data_3OT8
#
_entry.id   3OT8
#
_cell.length_a   44.780
_cell.length_b   65.630
_cell.length_c   57.640
_cell.angle_alpha   90.00
_cell.angle_beta   94.78
_cell.angle_gamma   90.00
#
_symmetry.space_group_name_H-M   'P 1 21 1'
#
loop_
_entity.id
_entity.type
_entity.pdbx_description
1 polymer 'Serine/threonine-protein kinase Chk1'
2 non-polymer N-(3-methylisothiazol-5-yl)-3-(1-methyl-1H-pyrazol-4-yl)-5-[(3R)-piperidin-3-yl]pyrazolo[1,5-a]pyrimidin-7-amine
3 non-polymer GLYCEROL
4 water water
#
_entity_poly.entity_id   1
_entity_poly.type   'polypeptide(L)'
_entity_poly.pdbx_seq_one_letter_code
;AVPFVEDWDLVQTLGEGAYGEVQLAVNRVTEEAVAVKIVDMKRAVDCPENIKKEICINKMLNHENVVKFYGHRREGNIQY
LFLEYCSGGELFDRIEPDIGMPEPDAQRFFHQLMAGVVYLHGIGITHRDIKPENLLLDERDNLKISDFGLATVFRYNNRE
RLLNKMCGTLPYVAPELLKRREFHAEPVDVWSCGIVLTAMLAGELPWDQPSDSCQEYSDWKEKKTYLNPWKKIDSAPLAL
LHKILVENPSARITIPDIKKDRWYNKPLKKGAK
;
_entity_poly.pdbx_strand_id   A
#
loop_
_chem_comp.id
_chem_comp.type
_chem_comp.name
_chem_comp.formula
GOL non-polymer GLYCEROL 'C3 H8 O3'
MI5 non-polymer N-(3-methylisothiazol-5-yl)-3-(1-methyl-1H-pyrazol-4-yl)-5-[(3R)-piperidin-3-yl]pyrazolo[1,5-a]pyrimidin-7-amine 'C19 H22 N8 S'
#
# COMPACT_ATOMS: atom_id res chain seq x y z
C PRO A 3 -2.23 19.64 -31.67
N PHE A 4 -2.11 18.41 -32.16
CA PHE A 4 -2.95 17.31 -31.66
C PHE A 4 -2.20 16.56 -30.57
N VAL A 5 -0.92 16.89 -30.40
CA VAL A 5 -0.07 16.23 -29.41
C VAL A 5 -0.62 16.34 -28.00
N GLU A 6 -1.37 17.41 -27.73
CA GLU A 6 -1.94 17.61 -26.40
C GLU A 6 -3.36 17.06 -26.30
N ASP A 7 -3.79 16.35 -27.35
CA ASP A 7 -5.13 15.78 -27.40
C ASP A 7 -5.18 14.35 -26.87
N TRP A 8 -6.07 14.12 -25.91
CA TRP A 8 -6.21 12.81 -25.30
C TRP A 8 -7.63 12.26 -25.45
N ASP A 9 -7.72 10.96 -25.73
CA ASP A 9 -9.01 10.31 -25.85
C ASP A 9 -9.27 9.46 -24.60
N LEU A 10 -10.39 9.69 -23.93
CA LEU A 10 -10.76 8.89 -22.77
C LEU A 10 -11.38 7.62 -23.33
N VAL A 11 -10.61 6.53 -23.34
CA VAL A 11 -11.05 5.29 -23.94
C VAL A 11 -11.76 4.28 -23.04
N GLN A 12 -11.58 4.38 -21.73
CA GLN A 12 -12.23 3.43 -20.83
C GLN A 12 -12.06 3.76 -19.36
N THR A 13 -13.08 3.44 -18.58
CA THR A 13 -13.04 3.67 -17.16
C THR A 13 -12.24 2.55 -16.48
N LEU A 14 -11.24 2.94 -15.72
CA LEU A 14 -10.38 1.96 -15.05
C LEU A 14 -10.97 1.46 -13.73
N GLY A 15 -11.90 2.21 -13.17
CA GLY A 15 -12.52 1.80 -11.92
C GLY A 15 -12.93 2.99 -11.06
N GLU A 16 -13.44 2.68 -9.87
CA GLU A 16 -13.88 3.70 -8.92
C GLU A 16 -12.95 3.70 -7.71
N GLY A 17 -12.05 4.67 -7.68
N GLY A 20 -15.53 10.68 -8.48
CA GLY A 20 -14.55 9.66 -8.15
C GLY A 20 -14.45 8.60 -9.25
N GLU A 21 -13.58 8.85 -10.23
CA GLU A 21 -13.41 7.90 -11.33
C GLU A 21 -12.03 8.02 -11.97
N VAL A 22 -11.48 6.90 -12.38
CA VAL A 22 -10.19 6.87 -13.05
C VAL A 22 -10.40 6.31 -14.44
N GLN A 23 -10.01 7.07 -15.45
CA GLN A 23 -10.17 6.66 -16.82
C GLN A 23 -8.82 6.56 -17.51
N LEU A 24 -8.76 5.70 -18.51
CA LEU A 24 -7.57 5.54 -19.30
C LEU A 24 -7.66 6.52 -20.47
N ALA A 25 -6.62 7.30 -20.66
CA ALA A 25 -6.59 8.28 -21.76
C ALA A 25 -5.42 7.97 -22.69
N VAL A 26 -5.70 8.03 -23.98
CA VAL A 26 -4.69 7.74 -24.98
C VAL A 26 -4.45 8.99 -25.82
N ASN A 27 -3.19 9.36 -26.01
CA ASN A 27 -2.85 10.52 -26.83
C ASN A 27 -3.16 10.15 -28.29
N ARG A 28 -3.97 10.98 -28.95
CA ARG A 28 -4.38 10.71 -30.32
C ARG A 28 -3.20 10.67 -31.30
N VAL A 29 -2.10 11.32 -30.93
CA VAL A 29 -0.90 11.37 -31.77
C VAL A 29 0.11 10.28 -31.45
N THR A 30 0.63 10.30 -30.23
CA THR A 30 1.67 9.37 -29.81
C THR A 30 1.15 8.03 -29.34
N GLU A 31 -0.14 7.99 -29.01
CA GLU A 31 -0.77 6.77 -28.51
C GLU A 31 -0.28 6.43 -27.10
N GLU A 32 0.40 7.38 -26.47
CA GLU A 32 0.89 7.18 -25.10
C GLU A 32 -0.32 7.08 -24.21
N ALA A 33 -0.26 6.19 -23.23
CA ALA A 33 -1.38 6.00 -22.31
C ALA A 33 -1.10 6.63 -20.94
N VAL A 34 -2.15 7.13 -20.32
CA VAL A 34 -2.05 7.71 -18.99
C VAL A 34 -3.38 7.50 -18.29
N ALA A 35 -3.34 7.59 -16.96
CA ALA A 35 -4.55 7.44 -16.16
C ALA A 35 -5.02 8.82 -15.76
N VAL A 36 -6.31 9.06 -15.87
CA VAL A 36 -6.87 10.35 -15.53
C VAL A 36 -7.82 10.23 -14.37
N LYS A 37 -7.47 10.85 -13.25
CA LYS A 37 -8.33 10.83 -12.08
C LYS A 37 -9.28 12.02 -12.17
N ILE A 38 -10.55 11.73 -12.38
CA ILE A 38 -11.56 12.79 -12.51
C ILE A 38 -12.30 13.03 -11.21
N VAL A 39 -12.24 14.27 -10.73
CA VAL A 39 -12.89 14.64 -9.48
C VAL A 39 -13.81 15.84 -9.65
N ASP A 40 -15.00 15.74 -9.07
CA ASP A 40 -15.99 16.82 -9.13
C ASP A 40 -15.76 17.78 -7.97
N MET A 41 -15.30 19.00 -8.30
CA MET A 41 -15.04 20.00 -7.27
N ASN A 50 -8.54 19.22 -0.21
CA ASN A 50 -8.24 17.82 -0.43
C ASN A 50 -7.54 17.60 -1.76
N ILE A 51 -8.13 18.16 -2.82
CA ILE A 51 -7.58 18.04 -4.16
C ILE A 51 -6.23 18.74 -4.28
N LYS A 52 -6.15 19.95 -3.73
CA LYS A 52 -4.92 20.71 -3.77
C LYS A 52 -3.80 19.97 -3.04
N LYS A 53 -4.16 19.31 -1.94
CA LYS A 53 -3.19 18.56 -1.17
C LYS A 53 -2.67 17.38 -1.99
N GLU A 54 -3.58 16.64 -2.62
CA GLU A 54 -3.20 15.50 -3.44
C GLU A 54 -2.22 15.93 -4.53
N ILE A 55 -2.57 16.99 -5.25
CA ILE A 55 -1.71 17.49 -6.32
C ILE A 55 -0.36 17.91 -5.76
N CYS A 56 -0.38 18.65 -4.66
N CYS A 56 -0.38 18.65 -4.66
CA CYS A 56 0.85 19.11 -4.06
CA CYS A 56 0.84 19.13 -4.02
C CYS A 56 1.75 17.94 -3.68
C CYS A 56 1.75 17.98 -3.61
N ILE A 57 1.17 16.94 -3.03
CA ILE A 57 1.95 15.78 -2.61
C ILE A 57 2.49 15.06 -3.82
N ASN A 58 1.65 14.93 -4.85
CA ASN A 58 2.04 14.27 -6.09
C ASN A 58 3.24 14.94 -6.75
N LYS A 59 3.33 16.26 -6.59
CA LYS A 59 4.43 17.03 -7.18
C LYS A 59 5.79 16.70 -6.55
N MET A 60 5.77 16.13 -5.35
CA MET A 60 7.01 15.79 -4.65
C MET A 60 7.53 14.41 -5.02
N LEU A 61 6.69 13.61 -5.66
CA LEU A 61 7.01 12.21 -5.94
C LEU A 61 7.80 11.86 -7.17
N ASN A 62 8.91 11.17 -6.97
CA ASN A 62 9.73 10.71 -8.09
C ASN A 62 10.45 9.43 -7.68
N HIS A 63 9.80 8.28 -7.89
CA HIS A 63 10.39 6.99 -7.55
C HIS A 63 9.77 5.90 -8.41
N GLU A 64 10.59 4.90 -8.76
CA GLU A 64 10.17 3.81 -9.62
C GLU A 64 8.98 2.98 -9.11
N ASN A 65 8.74 3.00 -7.80
CA ASN A 65 7.62 2.22 -7.23
C ASN A 65 6.48 3.10 -6.73
N VAL A 66 6.40 4.31 -7.29
CA VAL A 66 5.34 5.27 -6.97
C VAL A 66 4.77 5.83 -8.26
N VAL A 67 3.44 5.80 -8.37
CA VAL A 67 2.76 6.30 -9.58
C VAL A 67 3.24 7.73 -9.85
N LYS A 68 3.69 7.98 -11.08
CA LYS A 68 4.20 9.30 -11.45
C LYS A 68 3.07 10.29 -11.73
N PHE A 69 3.32 11.57 -11.43
CA PHE A 69 2.35 12.63 -11.65
C PHE A 69 2.82 13.44 -12.86
N TYR A 70 1.90 13.70 -13.79
CA TYR A 70 2.24 14.44 -15.00
C TYR A 70 1.70 15.88 -14.97
N GLY A 71 0.57 16.07 -14.30
CA GLY A 71 -0.02 17.39 -14.18
C GLY A 71 -1.50 17.32 -13.92
N HIS A 72 -2.17 18.46 -14.02
CA HIS A 72 -3.61 18.53 -13.80
C HIS A 72 -4.22 19.66 -14.61
N ARG A 73 -5.41 19.43 -15.15
CA ARG A 73 -6.11 20.45 -15.93
C ARG A 73 -7.37 20.90 -15.19
N ARG A 74 -7.59 22.21 -15.20
N GLN A 79 -11.85 18.37 -11.89
CA GLN A 79 -10.40 18.41 -11.99
C GLN A 79 -9.86 17.12 -12.62
N TYR A 80 -8.87 17.25 -13.49
CA TYR A 80 -8.28 16.10 -14.17
C TYR A 80 -6.82 15.86 -13.77
N LEU A 81 -6.61 14.88 -12.90
CA LEU A 81 -5.25 14.54 -12.48
C LEU A 81 -4.67 13.57 -13.49
N PHE A 82 -3.54 13.98 -14.10
CA PHE A 82 -2.88 13.16 -15.10
C PHE A 82 -1.77 12.37 -14.43
N LEU A 83 -1.93 11.05 -14.42
CA LEU A 83 -1.00 10.17 -13.71
C LEU A 83 -0.54 8.97 -14.53
N GLU A 84 0.53 8.34 -14.06
CA GLU A 84 1.09 7.18 -14.71
C GLU A 84 0.09 6.04 -14.86
N TYR A 85 -0.03 5.51 -16.07
CA TYR A 85 -0.93 4.40 -16.32
C TYR A 85 -0.23 3.10 -16.03
N CYS A 86 -0.88 2.22 -15.29
CA CYS A 86 -0.32 0.93 -14.92
C CYS A 86 -1.16 -0.16 -15.56
N SER A 87 -0.65 -0.69 -16.67
CA SER A 87 -1.38 -1.68 -17.48
C SER A 87 -1.63 -3.04 -16.85
N GLY A 88 -0.87 -3.36 -15.81
CA GLY A 88 -1.01 -4.65 -15.14
C GLY A 88 -2.17 -4.67 -14.14
N GLY A 89 -2.78 -3.52 -13.90
CA GLY A 89 -3.94 -3.42 -13.01
C GLY A 89 -3.58 -3.48 -11.51
N GLU A 90 -4.56 -3.84 -10.69
CA GLU A 90 -4.39 -3.88 -9.23
C GLU A 90 -3.77 -5.16 -8.75
N LEU A 91 -2.95 -5.05 -7.71
CA LEU A 91 -2.36 -6.22 -7.08
C LEU A 91 -3.50 -7.07 -6.55
N PHE A 92 -4.60 -6.39 -6.18
CA PHE A 92 -5.77 -7.06 -5.67
C PHE A 92 -6.18 -8.21 -6.61
N ASP A 93 -6.09 -7.97 -7.92
CA ASP A 93 -6.48 -8.98 -8.91
C ASP A 93 -5.52 -10.13 -9.14
N ARG A 94 -4.35 -10.08 -8.49
CA ARG A 94 -3.36 -11.15 -8.60
C ARG A 94 -3.44 -12.09 -7.40
N ILE A 95 -4.32 -11.77 -6.45
CA ILE A 95 -4.45 -12.56 -5.25
C ILE A 95 -5.61 -13.50 -5.44
N GLU A 96 -5.33 -14.80 -5.46
CA GLU A 96 -6.38 -15.80 -5.61
C GLU A 96 -7.05 -16.07 -4.27
N PRO A 97 -8.37 -15.90 -4.18
CA PRO A 97 -9.06 -16.14 -2.91
C PRO A 97 -8.72 -17.50 -2.28
N ASP A 98 -8.35 -17.47 -1.01
CA ASP A 98 -7.98 -18.64 -0.24
C ASP A 98 -6.64 -19.27 -0.58
N ILE A 99 -5.97 -18.75 -1.61
CA ILE A 99 -4.72 -19.30 -2.06
C ILE A 99 -3.57 -18.29 -1.92
N GLY A 100 -3.82 -17.08 -2.40
CA GLY A 100 -2.80 -16.04 -2.38
C GLY A 100 -2.08 -16.05 -3.74
N MET A 101 -0.76 -16.26 -3.72
CA MET A 101 0.04 -16.31 -4.96
C MET A 101 1.36 -17.01 -4.61
N PRO A 102 2.15 -17.40 -5.61
CA PRO A 102 3.41 -18.08 -5.33
C PRO A 102 4.29 -17.22 -4.43
N GLU A 103 4.90 -17.83 -3.44
CA GLU A 103 5.76 -17.10 -2.53
C GLU A 103 6.80 -16.19 -3.18
N PRO A 104 7.46 -16.65 -4.25
CA PRO A 104 8.48 -15.81 -4.87
C PRO A 104 7.90 -14.53 -5.44
N ASP A 105 6.67 -14.63 -5.99
CA ASP A 105 5.99 -13.46 -6.53
C ASP A 105 5.63 -12.49 -5.39
N ALA A 106 5.12 -13.04 -4.30
CA ALA A 106 4.75 -12.24 -3.12
C ALA A 106 5.98 -11.50 -2.59
N GLN A 107 7.11 -12.21 -2.50
CA GLN A 107 8.33 -11.60 -2.01
C GLN A 107 8.79 -10.45 -2.91
N ARG A 108 8.76 -10.65 -4.21
CA ARG A 108 9.16 -9.58 -5.12
C ARG A 108 8.24 -8.34 -4.98
N PHE A 109 6.94 -8.57 -4.90
CA PHE A 109 5.99 -7.47 -4.74
C PHE A 109 6.24 -6.81 -3.40
N PHE A 110 6.55 -7.61 -2.39
CA PHE A 110 6.83 -7.04 -1.06
C PHE A 110 8.10 -6.16 -1.07
N HIS A 111 9.15 -6.63 -1.74
CA HIS A 111 10.39 -5.86 -1.87
C HIS A 111 10.08 -4.51 -2.52
N GLN A 112 9.29 -4.54 -3.59
CA GLN A 112 8.95 -3.32 -4.31
C GLN A 112 8.09 -2.40 -3.48
N LEU A 113 7.16 -2.99 -2.72
CA LEU A 113 6.33 -2.19 -1.83
C LEU A 113 7.21 -1.50 -0.79
N MET A 114 8.15 -2.23 -0.20
CA MET A 114 9.03 -1.63 0.82
C MET A 114 9.86 -0.52 0.21
N ALA A 115 10.32 -0.72 -1.01
CA ALA A 115 11.15 0.29 -1.68
C ALA A 115 10.33 1.59 -1.81
N GLY A 116 9.08 1.45 -2.22
CA GLY A 116 8.20 2.62 -2.39
C GLY A 116 7.90 3.28 -1.05
N VAL A 117 7.62 2.46 -0.04
CA VAL A 117 7.29 3.00 1.29
C VAL A 117 8.51 3.69 1.92
N VAL A 118 9.69 3.08 1.78
CA VAL A 118 10.93 3.70 2.30
C VAL A 118 11.08 5.06 1.66
N TYR A 119 10.86 5.12 0.36
CA TYR A 119 10.98 6.38 -0.37
C TYR A 119 10.01 7.43 0.21
N LEU A 120 8.73 7.09 0.29
CA LEU A 120 7.76 8.00 0.83
C LEU A 120 8.15 8.47 2.23
N HIS A 121 8.46 7.54 3.12
CA HIS A 121 8.81 7.91 4.48
C HIS A 121 10.05 8.81 4.50
N GLY A 122 10.97 8.54 3.57
CA GLY A 122 12.21 9.32 3.45
C GLY A 122 11.92 10.80 3.14
N ILE A 123 10.86 11.06 2.39
CA ILE A 123 10.46 12.44 2.07
C ILE A 123 9.40 13.00 3.01
N GLY A 124 9.12 12.26 4.08
CA GLY A 124 8.18 12.73 5.11
C GLY A 124 6.69 12.56 4.76
N ILE A 125 6.40 11.67 3.83
CA ILE A 125 5.01 11.43 3.40
C ILE A 125 4.54 10.06 3.86
N THR A 126 3.34 10.01 4.45
CA THR A 126 2.70 8.74 4.80
C THR A 126 1.51 8.53 3.86
N HIS A 127 1.35 7.29 3.35
CA HIS A 127 0.26 7.02 2.40
C HIS A 127 -1.11 6.89 3.09
N ARG A 128 -1.14 6.18 4.21
CA ARG A 128 -2.31 6.00 5.06
C ARG A 128 -3.38 5.08 4.56
N ASP A 129 -3.24 4.55 3.35
CA ASP A 129 -4.26 3.61 2.85
C ASP A 129 -3.67 2.54 1.97
N ILE A 130 -2.59 1.93 2.45
CA ILE A 130 -1.92 0.88 1.68
C ILE A 130 -2.80 -0.37 1.72
N LYS A 131 -3.13 -0.85 0.53
CA LYS A 131 -3.95 -2.05 0.37
C LYS A 131 -3.84 -2.47 -1.11
N PRO A 132 -4.16 -3.71 -1.42
CA PRO A 132 -3.95 -4.21 -2.78
C PRO A 132 -4.69 -3.46 -3.88
N GLU A 133 -5.79 -2.83 -3.53
CA GLU A 133 -6.54 -2.02 -4.52
C GLU A 133 -5.75 -0.78 -4.96
N ASN A 134 -4.80 -0.33 -4.12
CA ASN A 134 -4.01 0.87 -4.42
C ASN A 134 -2.60 0.56 -4.90
N LEU A 135 -2.23 -0.71 -4.90
CA LEU A 135 -0.90 -1.12 -5.36
C LEU A 135 -1.08 -1.64 -6.76
N LEU A 136 -0.50 -0.93 -7.72
CA LEU A 136 -0.70 -1.22 -9.13
C LEU A 136 0.48 -1.88 -9.78
N LEU A 137 0.24 -2.49 -10.93
CA LEU A 137 1.30 -3.16 -11.62
C LEU A 137 1.50 -2.58 -13.01
N ASP A 138 2.76 -2.33 -13.37
CA ASP A 138 3.02 -1.79 -14.71
C ASP A 138 3.08 -2.91 -15.73
N GLU A 139 3.54 -2.60 -16.94
CA GLU A 139 3.60 -3.62 -18.00
C GLU A 139 4.55 -4.78 -17.70
N ARG A 140 5.52 -4.55 -16.82
CA ARG A 140 6.49 -5.58 -16.47
C ARG A 140 6.16 -6.17 -15.09
N ASP A 141 4.97 -5.88 -14.61
CA ASP A 141 4.52 -6.36 -13.30
C ASP A 141 5.32 -5.76 -12.15
N ASN A 142 5.83 -4.55 -12.38
CA ASN A 142 6.51 -3.81 -11.31
C ASN A 142 5.43 -3.11 -10.51
N LEU A 143 5.56 -3.15 -9.19
CA LEU A 143 4.56 -2.55 -8.32
C LEU A 143 4.76 -1.06 -8.14
N LYS A 144 3.65 -0.33 -8.19
CA LYS A 144 3.65 1.11 -8.01
C LYS A 144 2.55 1.49 -7.00
N ILE A 145 2.94 2.29 -6.01
CA ILE A 145 2.00 2.80 -5.01
C ILE A 145 1.19 3.94 -5.64
N SER A 146 -0.13 3.81 -5.57
CA SER A 146 -1.04 4.80 -6.14
C SER A 146 -1.97 5.43 -5.13
N ASP A 147 -2.55 6.55 -5.55
CA ASP A 147 -3.53 7.31 -4.79
C ASP A 147 -3.04 7.96 -3.53
N PHE A 148 -2.78 9.25 -3.62
CA PHE A 148 -2.30 10.03 -2.49
C PHE A 148 -3.35 10.95 -1.94
N GLY A 149 -4.60 10.56 -2.14
CA GLY A 149 -5.76 11.33 -1.69
C GLY A 149 -5.89 11.36 -0.18
N LEU A 150 -5.39 10.32 0.49
CA LEU A 150 -5.46 10.26 1.95
C LEU A 150 -4.10 10.49 2.60
N ALA A 151 -3.08 10.70 1.77
CA ALA A 151 -1.72 10.89 2.23
C ALA A 151 -1.51 12.20 2.94
N THR A 152 -0.48 12.27 3.76
CA THR A 152 -0.18 13.51 4.49
C THR A 152 1.28 13.60 4.90
N VAL A 153 1.68 14.81 5.28
CA VAL A 153 3.05 15.05 5.72
C VAL A 153 3.15 14.70 7.18
N PHE A 154 4.11 13.84 7.53
CA PHE A 154 4.31 13.48 8.92
C PHE A 154 5.68 13.97 9.41
N ARG A 155 6.51 14.44 8.48
CA ARG A 155 7.84 14.99 8.84
C ARG A 155 8.14 16.17 7.95
N TYR A 156 8.50 17.29 8.58
CA TYR A 156 8.79 18.50 7.83
C TYR A 156 9.86 19.28 8.59
N ASN A 157 10.87 19.76 7.88
CA ASN A 157 11.99 20.44 8.51
C ASN A 157 12.60 19.60 9.59
N ASN A 158 12.67 18.29 9.32
CA ASN A 158 13.25 17.32 10.23
C ASN A 158 12.52 17.15 11.56
N ARG A 159 11.28 17.62 11.62
CA ARG A 159 10.49 17.47 12.84
C ARG A 159 9.27 16.59 12.55
N GLU A 160 9.06 15.58 13.37
CA GLU A 160 7.93 14.67 13.15
C GLU A 160 6.65 15.20 13.77
N ARG A 161 5.54 15.05 13.05
CA ARG A 161 4.24 15.43 13.56
C ARG A 161 3.47 14.15 13.77
N LEU A 162 2.83 14.02 14.93
CA LEU A 162 2.02 12.82 15.19
C LEU A 162 0.69 12.98 14.48
N LEU A 163 0.08 11.85 14.12
CA LEU A 163 -1.20 11.88 13.45
C LEU A 163 -2.31 11.65 14.47
N ASN A 164 -3.53 12.05 14.13
CA ASN A 164 -4.68 11.80 15.02
C ASN A 164 -5.95 11.48 14.26
N LYS A 165 -5.97 11.80 12.97
CA LYS A 165 -7.15 11.56 12.14
C LYS A 165 -7.34 10.09 11.76
N MET A 166 -8.60 9.66 11.74
CA MET A 166 -8.95 8.30 11.35
C MET A 166 -8.90 8.24 9.84
N CYS A 167 -7.96 7.48 9.30
N CYS A 167 -7.98 7.45 9.32
CA CYS A 167 -7.84 7.33 7.86
CA CYS A 167 -7.81 7.33 7.90
C CYS A 167 -7.52 5.87 7.60
C CYS A 167 -7.39 5.90 7.56
N GLY A 168 -7.82 5.41 6.40
CA GLY A 168 -7.48 4.04 6.02
C GLY A 168 -8.67 3.13 5.75
N THR A 169 -8.41 1.82 5.85
CA THR A 169 -9.42 0.81 5.54
C THR A 169 -9.31 -0.23 6.64
N LEU A 170 -10.42 -0.45 7.37
CA LEU A 170 -10.37 -1.29 8.57
C LEU A 170 -9.49 -2.55 8.61
N PRO A 171 -9.65 -3.48 7.68
CA PRO A 171 -8.85 -4.69 7.74
C PRO A 171 -7.35 -4.42 7.68
N TYR A 172 -6.98 -3.27 7.11
CA TYR A 172 -5.55 -2.94 6.94
C TYR A 172 -5.03 -1.96 7.96
N VAL A 173 -5.92 -1.38 8.76
CA VAL A 173 -5.50 -0.33 9.70
C VAL A 173 -4.83 -0.87 10.96
N ALA A 174 -3.84 -0.14 11.46
CA ALA A 174 -3.12 -0.54 12.68
C ALA A 174 -4.00 -0.33 13.92
N PRO A 175 -3.81 -1.16 14.93
CA PRO A 175 -4.66 -1.09 16.13
C PRO A 175 -4.58 0.21 16.89
N GLU A 176 -3.42 0.85 16.87
CA GLU A 176 -3.27 2.11 17.60
C GLU A 176 -4.21 3.21 17.10
N LEU A 177 -4.63 3.15 15.84
CA LEU A 177 -5.56 4.16 15.35
C LEU A 177 -6.86 4.11 16.11
N LEU A 178 -7.28 2.90 16.46
CA LEU A 178 -8.54 2.73 17.18
C LEU A 178 -8.40 2.91 18.70
N LYS A 179 -7.19 2.77 19.21
CA LYS A 179 -6.99 2.84 20.66
C LYS A 179 -6.36 4.11 21.20
N ARG A 180 -5.61 4.83 20.35
CA ARG A 180 -4.88 6.01 20.80
C ARG A 180 -5.35 7.31 20.17
N ARG A 181 -5.25 8.41 20.93
CA ARG A 181 -5.62 9.71 20.39
C ARG A 181 -4.60 10.18 19.34
N GLU A 182 -3.33 9.89 19.57
CA GLU A 182 -2.25 10.28 18.64
C GLU A 182 -1.35 9.08 18.39
N PHE A 183 -0.74 9.03 17.22
CA PHE A 183 0.14 7.92 16.91
C PHE A 183 1.14 8.33 15.84
N HIS A 184 2.26 7.61 15.80
CA HIS A 184 3.30 7.83 14.80
C HIS A 184 2.85 7.31 13.43
N ALA A 185 3.20 8.03 12.36
CA ALA A 185 2.79 7.65 11.02
C ALA A 185 3.43 6.36 10.49
N GLU A 186 4.74 6.26 10.62
CA GLU A 186 5.43 5.15 10.00
C GLU A 186 4.97 3.75 10.39
N PRO A 187 4.78 3.47 11.67
CA PRO A 187 4.36 2.10 12.05
C PRO A 187 3.00 1.74 11.48
N VAL A 188 2.16 2.75 11.20
CA VAL A 188 0.83 2.46 10.64
C VAL A 188 0.99 1.91 9.22
N ASP A 189 1.83 2.55 8.42
CA ASP A 189 2.07 2.07 7.07
C ASP A 189 2.75 0.69 7.12
N VAL A 190 3.67 0.49 8.07
CA VAL A 190 4.32 -0.81 8.18
C VAL A 190 3.27 -1.93 8.42
N TRP A 191 2.34 -1.65 9.30
CA TRP A 191 1.29 -2.60 9.64
C TRP A 191 0.45 -2.97 8.39
N SER A 192 0.01 -1.96 7.65
N SER A 192 0.03 -1.96 7.64
CA SER A 192 -0.79 -2.24 6.47
CA SER A 192 -0.76 -2.21 6.46
C SER A 192 0.00 -3.07 5.45
C SER A 192 0.01 -3.09 5.49
N CYS A 193 1.31 -2.84 5.37
CA CYS A 193 2.15 -3.65 4.47
C CYS A 193 2.16 -5.11 4.94
N GLY A 194 2.12 -5.30 6.27
CA GLY A 194 2.05 -6.66 6.84
C GLY A 194 0.71 -7.35 6.49
N ILE A 195 -0.38 -6.60 6.50
CA ILE A 195 -1.68 -7.18 6.13
C ILE A 195 -1.67 -7.52 4.62
N VAL A 196 -1.08 -6.63 3.81
CA VAL A 196 -0.95 -6.91 2.38
C VAL A 196 -0.14 -8.22 2.18
N LEU A 197 0.95 -8.38 2.92
CA LEU A 197 1.76 -9.58 2.79
C LEU A 197 0.98 -10.83 3.16
N THR A 198 0.19 -10.73 4.22
CA THR A 198 -0.67 -11.85 4.65
C THR A 198 -1.63 -12.22 3.50
N ALA A 199 -2.29 -11.22 2.92
CA ALA A 199 -3.22 -11.44 1.79
C ALA A 199 -2.52 -12.11 0.63
N MET A 200 -1.34 -11.63 0.28
CA MET A 200 -0.62 -12.23 -0.83
C MET A 200 -0.25 -13.69 -0.57
N LEU A 201 0.03 -14.02 0.69
CA LEU A 201 0.49 -15.38 1.01
C LEU A 201 -0.63 -16.37 1.40
N ALA A 202 -1.81 -15.84 1.72
CA ALA A 202 -2.92 -16.68 2.18
C ALA A 202 -4.23 -16.52 1.41
N GLY A 203 -4.34 -15.43 0.64
CA GLY A 203 -5.55 -15.15 -0.17
C GLY A 203 -6.73 -14.88 0.75
N GLU A 204 -6.42 -14.35 1.93
CA GLU A 204 -7.41 -14.13 2.96
C GLU A 204 -6.92 -13.01 3.88
N LEU A 205 -7.83 -12.15 4.34
CA LEU A 205 -7.47 -11.08 5.29
C LEU A 205 -7.72 -11.69 6.67
N PRO A 206 -6.82 -11.44 7.62
CA PRO A 206 -6.92 -12.08 8.93
C PRO A 206 -8.08 -11.64 9.81
N TRP A 207 -8.46 -10.37 9.75
CA TRP A 207 -9.57 -9.88 10.58
C TRP A 207 -10.29 -8.71 9.94
N ASP A 208 -11.54 -8.47 10.36
CA ASP A 208 -12.30 -7.34 9.83
C ASP A 208 -11.68 -6.01 10.34
N GLN A 209 -11.09 -6.05 11.52
CA GLN A 209 -10.43 -4.87 12.13
C GLN A 209 -9.58 -5.35 13.29
N PRO A 210 -8.53 -4.61 13.62
CA PRO A 210 -7.61 -5.02 14.67
C PRO A 210 -8.13 -4.65 16.05
N SER A 211 -9.23 -5.29 16.44
CA SER A 211 -9.89 -5.06 17.72
C SER A 211 -10.06 -6.39 18.45
N ASP A 212 -9.98 -6.35 19.77
CA ASP A 212 -10.14 -7.55 20.59
C ASP A 212 -11.53 -8.16 20.42
N SER A 213 -12.46 -7.35 19.92
CA SER A 213 -13.82 -7.82 19.68
C SER A 213 -13.87 -8.79 18.50
N CYS A 214 -12.80 -8.81 17.70
CA CYS A 214 -12.69 -9.72 16.57
C CYS A 214 -11.92 -10.94 17.10
N GLN A 215 -12.60 -12.08 17.15
CA GLN A 215 -11.97 -13.29 17.67
C GLN A 215 -10.67 -13.58 16.95
N GLU A 216 -10.65 -13.35 15.64
CA GLU A 216 -9.45 -13.63 14.84
C GLU A 216 -8.23 -12.81 15.31
N TYR A 217 -8.47 -11.57 15.69
CA TYR A 217 -7.37 -10.72 16.17
C TYR A 217 -6.87 -11.23 17.51
N SER A 218 -7.79 -11.56 18.42
CA SER A 218 -7.38 -12.10 19.71
C SER A 218 -6.60 -13.41 19.51
N ASP A 219 -7.06 -14.24 18.58
CA ASP A 219 -6.40 -15.52 18.31
C ASP A 219 -4.93 -15.31 17.89
N TRP A 220 -4.71 -14.31 17.04
CA TRP A 220 -3.36 -14.00 16.58
C TRP A 220 -2.48 -13.54 17.75
N LYS A 221 -3.04 -12.69 18.61
CA LYS A 221 -2.28 -12.19 19.75
C LYS A 221 -1.95 -13.34 20.71
N GLU A 222 -2.77 -14.38 20.67
CA GLU A 222 -2.54 -15.57 21.49
C GLU A 222 -1.69 -16.60 20.73
N LYS A 223 -1.20 -16.18 19.57
CA LYS A 223 -0.31 -17.01 18.75
C LYS A 223 -0.89 -18.34 18.26
N LYS A 224 -2.18 -18.35 17.98
CA LYS A 224 -2.83 -19.56 17.48
C LYS A 224 -2.59 -19.66 15.99
N THR A 225 -1.32 -19.85 15.62
CA THR A 225 -0.92 -19.88 14.21
C THR A 225 -1.21 -21.20 13.50
N TYR A 226 -1.90 -22.11 14.20
CA TYR A 226 -2.30 -23.37 13.60
C TYR A 226 -3.63 -23.14 12.89
N LEU A 227 -4.15 -21.93 13.02
CA LEU A 227 -5.39 -21.55 12.37
C LEU A 227 -5.08 -20.80 11.08
N ASN A 228 -6.05 -20.71 10.17
CA ASN A 228 -5.90 -19.92 8.97
C ASN A 228 -6.04 -18.47 9.45
N PRO A 229 -5.44 -17.50 8.75
CA PRO A 229 -4.68 -17.74 7.50
C PRO A 229 -3.25 -18.19 7.76
N TRP A 230 -2.80 -18.07 8.99
CA TRP A 230 -1.40 -18.34 9.36
C TRP A 230 -0.89 -19.73 8.98
N LYS A 231 -1.77 -20.72 9.11
CA LYS A 231 -1.42 -22.11 8.78
C LYS A 231 -0.95 -22.27 7.35
N LYS A 232 -1.42 -21.39 6.46
CA LYS A 232 -1.07 -21.44 5.03
C LYS A 232 0.26 -20.81 4.69
N ILE A 233 0.83 -20.12 5.65
CA ILE A 233 2.04 -19.36 5.42
C ILE A 233 3.26 -20.08 5.96
N ASP A 234 4.32 -20.16 5.15
CA ASP A 234 5.54 -20.81 5.57
C ASP A 234 6.15 -20.14 6.81
N SER A 235 6.87 -20.92 7.61
CA SER A 235 7.48 -20.41 8.83
C SER A 235 8.34 -19.17 8.64
N ALA A 236 9.08 -19.08 7.54
CA ALA A 236 9.95 -17.92 7.32
C ALA A 236 9.15 -16.59 7.16
N PRO A 237 8.24 -16.51 6.21
CA PRO A 237 7.48 -15.26 6.09
C PRO A 237 6.61 -15.07 7.32
N LEU A 238 6.16 -16.17 7.92
CA LEU A 238 5.32 -16.04 9.11
C LEU A 238 6.10 -15.38 10.25
N ALA A 239 7.40 -15.70 10.35
CA ALA A 239 8.25 -15.09 11.36
C ALA A 239 8.32 -13.59 11.15
N LEU A 240 8.33 -13.15 9.88
CA LEU A 240 8.35 -11.71 9.59
C LEU A 240 7.00 -11.10 10.02
N LEU A 241 5.91 -11.77 9.71
CA LEU A 241 4.59 -11.27 10.09
C LEU A 241 4.46 -11.15 11.61
N HIS A 242 5.09 -12.07 12.34
CA HIS A 242 5.10 -11.99 13.79
C HIS A 242 5.77 -10.69 14.28
N LYS A 243 6.68 -10.14 13.48
CA LYS A 243 7.41 -8.91 13.87
C LYS A 243 6.68 -7.65 13.39
N ILE A 244 5.96 -7.80 12.29
CA ILE A 244 5.19 -6.67 11.74
C ILE A 244 3.86 -6.45 12.47
N LEU A 245 3.09 -7.53 12.63
CA LEU A 245 1.76 -7.41 13.23
C LEU A 245 1.79 -7.48 14.75
N VAL A 246 2.55 -6.54 15.30
CA VAL A 246 2.73 -6.38 16.73
C VAL A 246 1.88 -5.20 17.18
N GLU A 247 1.01 -5.43 18.16
CA GLU A 247 0.07 -4.41 18.59
C GLU A 247 0.70 -3.07 19.02
N ASN A 248 1.74 -3.13 19.85
CA ASN A 248 2.44 -1.93 20.32
C ASN A 248 3.29 -1.35 19.17
N PRO A 249 2.90 -0.20 18.63
CA PRO A 249 3.66 0.33 17.49
C PRO A 249 5.10 0.64 17.82
N SER A 250 5.40 0.84 19.10
CA SER A 250 6.76 1.14 19.50
C SER A 250 7.67 -0.11 19.51
N ALA A 251 7.05 -1.28 19.60
CA ALA A 251 7.76 -2.57 19.59
C ALA A 251 7.74 -3.18 18.20
N ARG A 252 6.95 -2.61 17.31
CA ARG A 252 6.78 -3.14 15.94
C ARG A 252 8.06 -2.95 15.15
N ILE A 253 8.36 -3.90 14.27
CA ILE A 253 9.54 -3.82 13.45
C ILE A 253 9.51 -2.57 12.54
N THR A 254 10.67 -1.95 12.31
CA THR A 254 10.77 -0.81 11.43
C THR A 254 11.27 -1.31 10.07
N ILE A 255 11.17 -0.46 9.08
CA ILE A 255 11.61 -0.85 7.75
C ILE A 255 13.07 -1.28 7.66
N PRO A 256 13.99 -0.52 8.26
CA PRO A 256 15.39 -0.92 8.21
C PRO A 256 15.59 -2.36 8.76
N ASP A 257 14.81 -2.75 9.77
CA ASP A 257 14.91 -4.10 10.32
C ASP A 257 14.17 -5.15 9.46
N ILE A 258 13.10 -4.73 8.80
CA ILE A 258 12.40 -5.64 7.89
C ILE A 258 13.44 -6.04 6.81
N LYS A 259 14.26 -5.08 6.39
CA LYS A 259 15.26 -5.34 5.34
C LYS A 259 16.35 -6.29 5.76
N LYS A 260 16.42 -6.57 7.06
CA LYS A 260 17.38 -7.52 7.60
C LYS A 260 16.74 -8.86 7.93
N ASP A 261 15.43 -8.97 7.71
CA ASP A 261 14.73 -10.17 8.06
C ASP A 261 15.18 -11.37 7.21
N ARG A 262 15.15 -12.55 7.81
CA ARG A 262 15.59 -13.78 7.12
C ARG A 262 14.78 -14.04 5.84
N TRP A 263 13.45 -14.04 5.95
CA TRP A 263 12.63 -14.25 4.76
C TRP A 263 12.82 -13.14 3.71
N TYR A 264 12.90 -11.89 4.14
CA TYR A 264 13.07 -10.79 3.21
C TYR A 264 14.29 -11.01 2.32
N ASN A 265 15.32 -11.66 2.91
CA ASN A 265 16.59 -11.90 2.22
C ASN A 265 16.75 -13.31 1.66
N LYS A 266 15.70 -14.11 1.73
CA LYS A 266 15.78 -15.50 1.27
C LYS A 266 15.65 -15.59 -0.24
N PRO A 267 16.59 -16.26 -0.91
CA PRO A 267 16.46 -16.37 -2.37
C PRO A 267 15.31 -17.32 -2.68
N LEU A 268 14.40 -16.88 -3.56
CA LEU A 268 13.24 -17.69 -3.92
C LEU A 268 13.11 -17.75 -5.42
N LYS A 269 12.60 -18.86 -5.92
CA LYS A 269 12.38 -19.01 -7.35
C LYS A 269 11.28 -20.03 -7.59
N LYS A 270 10.36 -19.70 -8.48
CA LYS A 270 9.26 -20.62 -8.77
C LYS A 270 9.81 -21.82 -9.53
N GLY A 271 9.44 -23.01 -9.06
C01 MI5 B . -4.11 4.13 -12.09
C02 MI5 B . -4.94 3.07 -12.00
N03 MI5 B . -4.65 2.23 -13.04
N04 MI5 B . -3.57 2.71 -13.79
C05 MI5 B . -3.28 3.83 -13.21
N06 MI5 B . -5.97 2.80 -11.12
C07 MI5 B . -6.60 1.69 -11.31
C08 MI5 B . -6.32 0.71 -12.37
C09 MI5 B . -5.36 1.03 -13.25
N10 MI5 B . -4.97 0.27 -14.30
C11 MI5 B . -7.67 1.31 -10.30
C12 MI5 B . -3.99 5.24 -11.15
C13 MI5 B . -7.04 1.39 -8.88
N14 MI5 B . -7.99 0.97 -7.82
C15 MI5 B . -9.10 1.90 -7.80
C16 MI5 B . -9.84 1.80 -9.15
C17 MI5 B . -8.90 2.19 -10.32
C18 MI5 B . -2.90 6.07 -10.95
N19 MI5 B . -3.08 6.95 -9.99
N20 MI5 B . -4.30 6.65 -9.50
C21 MI5 B . -4.88 5.60 -10.15
C22 MI5 B . -4.85 7.44 -8.37
C23 MI5 B . -5.60 -0.76 -14.92
S24 MI5 B . -7.14 -1.37 -14.51
N25 MI5 B . -7.19 -2.55 -15.68
C26 MI5 B . -6.04 -2.50 -16.38
C27 MI5 B . -5.11 -1.50 -15.97
C28 MI5 B . -5.83 -3.46 -17.49
C1 GOL C . 14.49 -13.18 -5.01
O1 GOL C . 14.18 -14.11 -4.08
C2 GOL C . 13.57 -13.28 -6.13
O2 GOL C . 13.77 -12.27 -7.05
C3 GOL C . 12.17 -13.18 -5.75
O3 GOL C . 11.72 -12.09 -5.04
C1 GOL D . 1.46 -10.67 18.95
O1 GOL D . 2.69 -10.33 19.44
C2 GOL D . 1.60 -11.35 17.68
O2 GOL D . 1.73 -12.72 17.79
C3 GOL D . 2.76 -10.93 16.92
O3 GOL D . 3.91 -11.69 16.91
C1 GOL E . -6.68 6.94 -33.57
O1 GOL E . -7.85 7.59 -33.82
C2 GOL E . -5.83 7.76 -32.73
O2 GOL E . -5.16 8.75 -33.41
C3 GOL E . -4.81 7.00 -32.01
O3 GOL E . -5.03 6.59 -30.71
#